data_9OB6
#
_entry.id   9OB6
#
_cell.length_a   101.100
_cell.length_b   101.100
_cell.length_c   151.030
_cell.angle_alpha   90.000
_cell.angle_beta   90.000
_cell.angle_gamma   90.000
#
_symmetry.space_group_name_H-M   'P 41 21 2'
#
loop_
_entity.id
_entity.type
_entity.pdbx_description
1 polymer 'Cyclin-dependent kinase 2'
2 polymer 'G1/S-specific cyclin-E1'
3 non-polymer '(1R,3R)-3-{3-[2-(4-methoxyphenyl)acetamido]-1H-pyrazol-5-yl}cyclopentyl propan-2-ylcarbamate'
4 water water
#
loop_
_entity_poly.entity_id
_entity_poly.type
_entity_poly.pdbx_seq_one_letter_code
_entity_poly.pdbx_strand_id
1 'polypeptide(L)'
;SHMMENFQKVEKIGEGTYGVVYKARNKLTGEVVALKKIRLDTETEGVPSTAIREISLLKELNHPNIVKLLDVIHTENKLY
LVFEFLHQDLKKFMDASALTGIPLPLIKSYLFQLLQGLAFCHSHRVLHRDLKPQNLLINTEGAIKLADFGLARAFGVPVR
TY(TPO)HEVVTLWYRAPEILLGCKYYSTAVDIWSLGCIFAEMVTRRALFPGDSEIDQLFRIFRTLGTPDEVVWPGVTSM
PDYKPSFPKWARQDFSKVVPPLDEDGRSLLSQMLHYDPNKRISAKAALAHPFFQDVTKPVPHLRL
;
A
2 'polypeptide(L)'
;GSIIAPSRGSPLPVLSWANREEVWKIMLNKEKTYLRDQHFLEQHPLLQPKMRAILLDWLMEVCEVYKLHRETFYLAQDFF
DRYMATQENVVKTLLQLIGISSLFIAAKLEEIYPPKLHQFAYVTDGACSGDEILTMELMIMKALKWRLSPLTIVSWLNVY
MQVAYLNDLHEVLLPQYPQQIFIQIAELLDLCVLDVDCLEFPYGILAASALYHFSSSELMQKVSGYQWCDIENCVKWMVP
FAMVIRETGSSKLKHFRGVADEDAHNIQTHRDSLDLLDKARAKKA
;
B
#
# COMPACT_ATOMS: atom_id res chain seq x y z
N MET A 4 -29.05 -1.92 8.58
CA MET A 4 -28.65 -3.30 8.33
C MET A 4 -29.87 -4.22 8.33
N GLU A 5 -30.56 -4.31 7.19
CA GLU A 5 -31.73 -5.17 7.07
C GLU A 5 -31.78 -5.69 5.64
N ASN A 6 -32.86 -6.39 5.32
CA ASN A 6 -33.09 -6.94 3.98
C ASN A 6 -32.07 -8.00 3.62
N PHE A 7 -31.18 -8.33 4.54
CA PHE A 7 -30.16 -9.35 4.35
C PHE A 7 -30.34 -10.45 5.39
N GLN A 8 -30.43 -11.69 4.93
CA GLN A 8 -30.64 -12.84 5.80
C GLN A 8 -29.47 -13.79 5.65
N LYS A 9 -28.84 -14.13 6.78
CA LYS A 9 -27.72 -15.05 6.76
C LYS A 9 -28.18 -16.43 6.30
N VAL A 10 -27.46 -16.99 5.33
CA VAL A 10 -27.80 -18.29 4.76
C VAL A 10 -26.87 -19.39 5.28
N GLU A 11 -25.57 -19.12 5.35
CA GLU A 11 -24.60 -20.12 5.76
C GLU A 11 -23.30 -19.42 6.12
N LYS A 12 -22.58 -19.99 7.09
CA LYS A 12 -21.27 -19.49 7.46
C LYS A 12 -20.23 -19.96 6.45
N ILE A 13 -19.50 -19.01 5.86
CA ILE A 13 -18.50 -19.34 4.86
C ILE A 13 -17.19 -19.74 5.53
N GLY A 14 -16.78 -19.01 6.57
N GLY A 14 -16.79 -19.03 6.60
CA GLY A 14 -15.51 -19.28 7.22
CA GLY A 14 -15.59 -19.41 7.32
C GLY A 14 -15.28 -18.30 8.34
C GLY A 14 -15.17 -18.42 8.39
N GLU A 15 -14.13 -18.45 9.01
N GLU A 15 -14.31 -18.86 9.30
CA GLU A 15 -13.78 -17.63 10.15
CA GLU A 15 -13.72 -18.01 10.32
C GLU A 15 -12.33 -17.18 10.06
C GLU A 15 -12.21 -18.23 10.33
N GLY A 16 -12.08 -15.95 10.49
N GLY A 16 -11.46 -17.17 10.10
CA GLY A 16 -10.74 -15.41 10.51
CA GLY A 16 -10.02 -17.26 10.03
C GLY A 16 -10.34 -14.85 11.86
C GLY A 16 -9.37 -15.92 10.32
N THR A 17 -9.24 -14.11 11.91
N THR A 17 -8.21 -15.71 9.70
CA THR A 17 -8.78 -13.53 13.17
CA THR A 17 -7.51 -14.45 9.85
C THR A 17 -9.75 -12.46 13.67
C THR A 17 -8.33 -13.27 9.32
N TYR A 18 -10.07 -11.49 12.82
N TYR A 18 -9.20 -13.54 8.35
CA TYR A 18 -10.97 -10.40 13.18
CA TYR A 18 -10.04 -12.48 7.80
C TYR A 18 -12.36 -10.52 12.56
C TYR A 18 -11.07 -12.00 8.83
N GLY A 19 -12.51 -11.25 11.47
N GLY A 19 -11.70 -12.93 9.54
CA GLY A 19 -13.77 -11.30 10.77
CA GLY A 19 -12.73 -12.59 10.50
C GLY A 19 -14.27 -12.71 10.54
C GLY A 19 -13.81 -13.64 10.58
N VAL A 20 -15.57 -12.90 10.76
N VAL A 20 -15.06 -13.22 10.43
CA VAL A 20 -16.27 -14.13 10.42
CA VAL A 20 -16.21 -14.13 10.41
C VAL A 20 -17.13 -13.87 9.19
C VAL A 20 -17.01 -13.80 9.15
N VAL A 21 -16.98 -14.70 8.18
CA VAL A 21 -17.65 -14.49 6.89
C VAL A 21 -18.91 -15.34 6.84
N TYR A 22 -20.03 -14.69 6.51
CA TYR A 22 -21.30 -15.37 6.31
C TYR A 22 -21.78 -15.14 4.88
N LYS A 23 -22.57 -16.08 4.37
CA LYS A 23 -23.27 -15.91 3.11
C LYS A 23 -24.67 -15.37 3.42
N ALA A 24 -24.99 -14.22 2.84
CA ALA A 24 -26.29 -13.58 3.04
C ALA A 24 -26.98 -13.39 1.71
N ARG A 25 -28.31 -13.28 1.76
CA ARG A 25 -29.12 -13.15 0.56
C ARG A 25 -30.20 -12.10 0.78
N ASN A 26 -30.35 -11.21 -0.20
CA ASN A 26 -31.41 -10.22 -0.14
C ASN A 26 -32.76 -10.85 -0.45
N LYS A 27 -33.73 -10.66 0.44
CA LYS A 27 -35.03 -11.29 0.28
C LYS A 27 -35.86 -10.63 -0.81
N LEU A 28 -35.68 -9.32 -1.03
CA LEU A 28 -36.49 -8.61 -2.00
C LEU A 28 -35.94 -8.73 -3.42
N THR A 29 -34.61 -8.72 -3.57
CA THR A 29 -33.97 -8.73 -4.88
C THR A 29 -33.35 -10.06 -5.25
N GLY A 30 -33.23 -10.99 -4.30
CA GLY A 30 -32.57 -12.25 -4.58
C GLY A 30 -31.05 -12.17 -4.67
N GLU A 31 -30.47 -11.02 -4.37
CA GLU A 31 -29.03 -10.84 -4.47
C GLU A 31 -28.33 -11.47 -3.26
N VAL A 32 -27.27 -12.24 -3.53
CA VAL A 32 -26.48 -12.86 -2.48
C VAL A 32 -25.15 -12.12 -2.35
N VAL A 33 -24.67 -12.00 -1.12
CA VAL A 33 -23.41 -11.32 -0.82
C VAL A 33 -22.65 -12.14 0.22
N ALA A 34 -21.43 -11.70 0.49
CA ALA A 34 -20.61 -12.27 1.56
C ALA A 34 -20.40 -11.20 2.62
N LEU A 35 -20.83 -11.48 3.85
CA LEU A 35 -20.77 -10.54 4.95
C LEU A 35 -19.62 -10.93 5.88
N LYS A 36 -18.66 -10.03 6.03
CA LYS A 36 -17.60 -10.19 7.03
C LYS A 36 -17.96 -9.35 8.25
N LYS A 37 -18.18 -10.02 9.38
CA LYS A 37 -18.64 -9.38 10.61
C LYS A 37 -17.46 -9.10 11.52
N ILE A 38 -17.36 -7.87 12.00
CA ILE A 38 -16.29 -7.44 12.90
C ILE A 38 -16.96 -6.92 14.17
N ARG A 39 -16.85 -7.67 15.26
CA ARG A 39 -17.41 -7.27 16.54
C ARG A 39 -16.42 -6.33 17.23
N LEU A 40 -16.77 -5.04 17.29
CA LEU A 40 -15.85 -4.03 17.81
C LEU A 40 -15.74 -4.04 19.33
N ASP A 41 -16.69 -4.66 20.03
CA ASP A 41 -16.61 -4.70 21.48
C ASP A 41 -15.43 -5.54 21.97
N THR A 42 -14.97 -6.49 21.15
CA THR A 42 -13.83 -7.32 21.50
C THR A 42 -12.50 -6.74 21.03
N GLU A 43 -12.53 -5.66 20.24
CA GLU A 43 -11.32 -5.05 19.69
C GLU A 43 -10.96 -3.86 20.57
N THR A 44 -9.91 -4.03 21.38
CA THR A 44 -9.50 -2.96 22.28
C THR A 44 -8.84 -1.81 21.53
N GLU A 45 -8.26 -2.08 20.37
CA GLU A 45 -7.62 -1.06 19.55
C GLU A 45 -8.55 -0.50 18.48
N GLY A 46 -9.87 -0.59 18.68
CA GLY A 46 -10.79 -0.10 17.69
C GLY A 46 -10.81 -0.97 16.44
N VAL A 47 -11.08 -0.33 15.31
CA VAL A 47 -11.11 -1.06 14.04
C VAL A 47 -9.71 -1.63 13.76
N PRO A 48 -9.58 -2.92 13.48
CA PRO A 48 -8.25 -3.51 13.27
C PRO A 48 -7.54 -2.85 12.10
N SER A 49 -6.21 -2.80 12.21
CA SER A 49 -5.41 -2.19 11.14
C SER A 49 -5.60 -2.91 9.83
N THR A 50 -5.69 -4.25 9.87
CA THR A 50 -5.93 -5.01 8.65
C THR A 50 -7.30 -4.70 8.05
N ALA A 51 -8.28 -4.34 8.89
CA ALA A 51 -9.58 -3.97 8.38
C ALA A 51 -9.56 -2.59 7.74
N ILE A 52 -8.90 -1.63 8.40
CA ILE A 52 -8.79 -0.29 7.83
C ILE A 52 -8.01 -0.32 6.52
N ARG A 53 -6.96 -1.14 6.46
CA ARG A 53 -6.18 -1.25 5.23
C ARG A 53 -7.00 -1.86 4.10
N GLU A 54 -7.68 -2.96 4.38
CA GLU A 54 -8.42 -3.66 3.32
C GLU A 54 -9.55 -2.81 2.78
N ILE A 55 -10.25 -2.09 3.65
CA ILE A 55 -11.37 -1.27 3.20
C ILE A 55 -10.89 -0.15 2.29
N SER A 56 -9.88 0.59 2.73
CA SER A 56 -9.39 1.73 1.95
C SER A 56 -8.78 1.27 0.62
N LEU A 57 -8.09 0.12 0.62
CA LEU A 57 -7.49 -0.36 -0.61
C LEU A 57 -8.55 -0.84 -1.61
N LEU A 58 -9.55 -1.59 -1.12
CA LEU A 58 -10.53 -2.17 -2.03
C LEU A 58 -11.48 -1.12 -2.60
N LYS A 59 -11.75 -0.04 -1.86
CA LYS A 59 -12.61 1.01 -2.40
C LYS A 59 -11.94 1.79 -3.51
N GLU A 60 -10.66 1.52 -3.80
CA GLU A 60 -9.96 2.13 -4.93
C GLU A 60 -9.40 1.08 -5.88
N LEU A 61 -9.70 -0.20 -5.64
CA LEU A 61 -9.26 -1.31 -6.50
C LEU A 61 -10.49 -1.97 -7.11
N ASN A 62 -11.17 -1.25 -7.99
CA ASN A 62 -12.34 -1.77 -8.68
C ASN A 62 -11.89 -2.41 -9.98
N HIS A 63 -11.98 -3.73 -10.06
CA HIS A 63 -11.48 -4.48 -11.21
C HIS A 63 -12.29 -5.76 -11.33
N PRO A 64 -12.55 -6.24 -12.55
CA PRO A 64 -13.34 -7.47 -12.72
C PRO A 64 -12.72 -8.70 -12.08
N ASN A 65 -11.40 -8.74 -11.89
CA ASN A 65 -10.74 -9.88 -11.29
C ASN A 65 -10.34 -9.63 -9.83
N ILE A 66 -11.02 -8.71 -9.16
CA ILE A 66 -10.83 -8.45 -7.75
C ILE A 66 -12.19 -8.46 -7.08
N VAL A 67 -12.32 -9.26 -6.00
CA VAL A 67 -13.60 -9.35 -5.31
C VAL A 67 -13.98 -7.99 -4.76
N LYS A 68 -15.18 -7.53 -5.12
CA LYS A 68 -15.59 -6.16 -4.84
C LYS A 68 -16.06 -6.02 -3.40
N LEU A 69 -15.64 -4.93 -2.76
CA LEU A 69 -16.20 -4.49 -1.49
C LEU A 69 -17.41 -3.61 -1.79
N LEU A 70 -18.60 -4.09 -1.46
CA LEU A 70 -19.82 -3.40 -1.85
C LEU A 70 -20.18 -2.27 -0.89
N ASP A 71 -20.08 -2.52 0.41
CA ASP A 71 -20.48 -1.52 1.39
C ASP A 71 -19.80 -1.81 2.71
N VAL A 72 -19.73 -0.78 3.56
CA VAL A 72 -19.22 -0.88 4.92
C VAL A 72 -20.27 -0.30 5.83
N ILE A 73 -20.95 -1.15 6.60
CA ILE A 73 -22.07 -0.77 7.45
C ILE A 73 -21.64 -0.85 8.90
N HIS A 74 -21.86 0.23 9.65
CA HIS A 74 -21.57 0.28 11.08
C HIS A 74 -22.90 0.23 11.83
N THR A 75 -23.22 -0.95 12.34
CA THR A 75 -24.47 -1.19 13.06
C THR A 75 -24.16 -1.72 14.44
N GLU A 76 -24.77 -1.10 15.46
CA GLU A 76 -24.57 -1.47 16.88
C GLU A 76 -23.08 -1.31 17.18
N ASN A 77 -22.49 -2.20 17.99
CA ASN A 77 -21.06 -2.21 18.24
C ASN A 77 -20.31 -3.10 17.26
N LYS A 78 -20.78 -3.20 16.02
CA LYS A 78 -20.23 -4.11 15.03
C LYS A 78 -19.95 -3.36 13.74
N LEU A 79 -19.09 -3.95 12.91
CA LEU A 79 -18.76 -3.41 11.59
C LEU A 79 -18.96 -4.50 10.56
N TYR A 80 -19.85 -4.26 9.61
CA TYR A 80 -20.19 -5.23 8.57
C TYR A 80 -19.55 -4.81 7.25
N LEU A 81 -18.84 -5.74 6.62
CA LEU A 81 -18.22 -5.53 5.32
C LEU A 81 -18.94 -6.41 4.31
N VAL A 82 -19.59 -5.77 3.33
CA VAL A 82 -20.39 -6.47 2.33
C VAL A 82 -19.52 -6.70 1.10
N PHE A 83 -19.31 -7.97 0.76
CA PHE A 83 -18.48 -8.36 -0.38
C PHE A 83 -19.33 -9.03 -1.45
N GLU A 84 -18.80 -9.00 -2.67
CA GLU A 84 -19.33 -9.83 -3.75
C GLU A 84 -19.14 -11.30 -3.39
N PHE A 85 -20.11 -12.13 -3.74
CA PHE A 85 -20.10 -13.54 -3.39
C PHE A 85 -19.66 -14.39 -4.56
N LEU A 86 -18.74 -15.32 -4.31
CA LEU A 86 -18.33 -16.34 -5.26
C LEU A 86 -18.42 -17.70 -4.58
N HIS A 87 -18.81 -18.72 -5.34
CA HIS A 87 -19.27 -19.96 -4.74
C HIS A 87 -18.16 -20.89 -4.26
N GLN A 88 -16.92 -20.68 -4.69
CA GLN A 88 -15.86 -21.62 -4.37
C GLN A 88 -14.50 -20.95 -4.54
N ASP A 89 -13.52 -21.45 -3.80
CA ASP A 89 -12.14 -21.02 -3.94
C ASP A 89 -11.38 -21.99 -4.84
N LEU A 90 -10.20 -21.57 -5.27
CA LEU A 90 -9.43 -22.37 -6.22
C LEU A 90 -8.95 -23.69 -5.60
N LYS A 91 -8.65 -23.69 -4.30
CA LYS A 91 -8.12 -24.90 -3.68
C LYS A 91 -9.14 -26.03 -3.72
N LYS A 92 -10.41 -25.74 -3.43
CA LYS A 92 -11.45 -26.75 -3.55
C LYS A 92 -11.62 -27.21 -4.99
N PHE A 93 -11.48 -26.28 -5.94
CA PHE A 93 -11.64 -26.64 -7.35
C PHE A 93 -10.48 -27.52 -7.81
N MET A 94 -9.27 -27.23 -7.36
CA MET A 94 -8.13 -28.08 -7.71
C MET A 94 -8.26 -29.46 -7.09
N ASP A 95 -8.71 -29.54 -5.83
CA ASP A 95 -8.89 -30.84 -5.20
C ASP A 95 -10.01 -31.63 -5.87
N ALA A 96 -11.10 -30.95 -6.23
CA ALA A 96 -12.18 -31.63 -6.93
C ALA A 96 -11.75 -32.09 -8.31
N SER A 97 -10.80 -31.38 -8.92
CA SER A 97 -10.29 -31.72 -10.24
C SER A 97 -9.01 -32.54 -10.18
N ALA A 98 -8.66 -33.07 -9.00
CA ALA A 98 -7.36 -33.72 -8.84
C ALA A 98 -7.25 -34.98 -9.68
N LEU A 99 -8.34 -35.73 -9.83
CA LEU A 99 -8.28 -36.97 -10.59
C LEU A 99 -8.32 -36.71 -12.09
N THR A 100 -9.26 -35.88 -12.55
CA THR A 100 -9.39 -35.61 -13.98
C THR A 100 -8.40 -34.57 -14.47
N GLY A 101 -7.97 -33.66 -13.60
CA GLY A 101 -7.07 -32.60 -14.00
C GLY A 101 -7.82 -31.41 -14.58
N ILE A 102 -7.41 -30.21 -14.22
CA ILE A 102 -8.03 -29.01 -14.81
C ILE A 102 -7.63 -28.92 -16.27
N PRO A 103 -8.57 -28.72 -17.19
CA PRO A 103 -8.20 -28.62 -18.62
C PRO A 103 -7.24 -27.46 -18.85
N LEU A 104 -6.29 -27.68 -19.77
CA LEU A 104 -5.30 -26.65 -20.06
C LEU A 104 -5.89 -25.32 -20.47
N PRO A 105 -6.92 -25.24 -21.32
CA PRO A 105 -7.52 -23.93 -21.62
C PRO A 105 -8.06 -23.23 -20.39
N LEU A 106 -8.57 -23.97 -19.40
CA LEU A 106 -9.07 -23.33 -18.19
C LEU A 106 -7.93 -22.86 -17.29
N ILE A 107 -6.83 -23.62 -17.26
CA ILE A 107 -5.64 -23.18 -16.54
C ILE A 107 -5.10 -21.90 -17.14
N LYS A 108 -5.02 -21.84 -18.48
CA LYS A 108 -4.53 -20.64 -19.15
C LYS A 108 -5.47 -19.46 -18.90
N SER A 109 -6.77 -19.70 -18.98
CA SER A 109 -7.73 -18.62 -18.72
C SER A 109 -7.62 -18.10 -17.29
N TYR A 110 -7.50 -19.00 -16.32
CA TYR A 110 -7.40 -18.58 -14.93
C TYR A 110 -6.13 -17.79 -14.67
N LEU A 111 -4.99 -18.29 -15.16
CA LEU A 111 -3.73 -17.58 -14.97
C LEU A 111 -3.76 -16.22 -15.65
N PHE A 112 -4.37 -16.14 -16.83
CA PHE A 112 -4.47 -14.87 -17.53
C PHE A 112 -5.27 -13.86 -16.72
N GLN A 113 -6.40 -14.29 -16.15
CA GLN A 113 -7.21 -13.39 -15.34
C GLN A 113 -6.49 -13.00 -14.06
N LEU A 114 -5.79 -13.95 -13.43
CA LEU A 114 -5.03 -13.64 -12.22
C LEU A 114 -3.95 -12.61 -12.50
N LEU A 115 -3.26 -12.74 -13.63
CA LEU A 115 -2.23 -11.77 -13.99
C LEU A 115 -2.84 -10.41 -14.30
N GLN A 116 -4.06 -10.37 -14.84
CA GLN A 116 -4.73 -9.10 -15.09
C GLN A 116 -5.09 -8.40 -13.79
N GLY A 117 -5.67 -9.13 -12.84
CA GLY A 117 -5.97 -8.54 -11.55
C GLY A 117 -4.72 -8.12 -10.80
N LEU A 118 -3.64 -8.90 -10.94
CA LEU A 118 -2.39 -8.57 -10.26
C LEU A 118 -1.72 -7.36 -10.90
N ALA A 119 -1.71 -7.30 -12.23
CA ALA A 119 -1.17 -6.13 -12.92
C ALA A 119 -1.95 -4.87 -12.55
N PHE A 120 -3.25 -4.99 -12.31
CA PHE A 120 -4.04 -3.85 -11.88
C PHE A 120 -3.63 -3.41 -10.48
N CYS A 121 -3.42 -4.36 -9.58
CA CYS A 121 -2.97 -4.04 -8.23
C CYS A 121 -1.62 -3.35 -8.25
N HIS A 122 -0.68 -3.87 -9.03
CA HIS A 122 0.67 -3.33 -9.03
C HIS A 122 0.73 -1.96 -9.69
N SER A 123 -0.06 -1.74 -10.75
CA SER A 123 -0.12 -0.41 -11.36
C SER A 123 -0.71 0.61 -10.41
N HIS A 124 -1.57 0.17 -9.49
CA HIS A 124 -2.08 1.02 -8.41
C HIS A 124 -1.16 1.02 -7.20
N ARG A 125 0.04 0.46 -7.33
CA ARG A 125 1.04 0.46 -6.26
C ARG A 125 0.53 -0.25 -5.00
N VAL A 126 -0.03 -1.45 -5.20
CA VAL A 126 -0.56 -2.27 -4.11
C VAL A 126 0.02 -3.67 -4.24
N LEU A 127 0.60 -4.17 -3.14
CA LEU A 127 1.04 -5.54 -3.04
C LEU A 127 -0.02 -6.37 -2.32
N HIS A 128 -0.30 -7.57 -2.85
CA HIS A 128 -1.27 -8.43 -2.19
C HIS A 128 -0.65 -9.16 -1.00
N ARG A 129 0.48 -9.83 -1.23
CA ARG A 129 1.32 -10.45 -0.21
C ARG A 129 0.69 -11.67 0.46
N ASP A 130 -0.37 -12.24 -0.10
CA ASP A 130 -0.93 -13.48 0.43
C ASP A 130 -1.68 -14.22 -0.67
N LEU A 131 -1.05 -14.35 -1.83
CA LEU A 131 -1.65 -15.06 -2.95
C LEU A 131 -1.50 -16.57 -2.71
N LYS A 132 -2.61 -17.22 -2.39
CA LYS A 132 -2.67 -18.67 -2.22
C LYS A 132 -3.99 -19.13 -2.80
N PRO A 133 -4.12 -20.41 -3.16
CA PRO A 133 -5.37 -20.89 -3.76
C PRO A 133 -6.59 -20.63 -2.91
N GLN A 134 -6.45 -20.60 -1.58
CA GLN A 134 -7.58 -20.32 -0.71
C GLN A 134 -8.10 -18.89 -0.87
N ASN A 135 -7.27 -17.97 -1.38
CA ASN A 135 -7.65 -16.58 -1.56
C ASN A 135 -8.02 -16.26 -3.00
N LEU A 136 -8.14 -17.26 -3.85
CA LEU A 136 -8.56 -17.08 -5.24
C LEU A 136 -9.93 -17.72 -5.41
N LEU A 137 -10.93 -16.90 -5.71
CA LEU A 137 -12.33 -17.33 -5.75
C LEU A 137 -12.80 -17.39 -7.20
N ILE A 138 -13.65 -18.37 -7.50
CA ILE A 138 -14.16 -18.58 -8.84
C ILE A 138 -15.69 -18.58 -8.79
N ASN A 139 -16.30 -18.19 -9.91
CA ASN A 139 -17.75 -18.25 -10.06
C ASN A 139 -18.11 -19.33 -11.07
N THR A 140 -19.40 -19.41 -11.41
CA THR A 140 -19.89 -20.39 -12.37
C THR A 140 -19.88 -19.86 -13.80
N GLU A 141 -19.16 -18.76 -14.05
CA GLU A 141 -19.09 -18.16 -15.38
C GLU A 141 -17.66 -18.10 -15.91
N GLY A 142 -16.75 -18.89 -15.35
CA GLY A 142 -15.39 -18.97 -15.84
C GLY A 142 -14.45 -17.92 -15.32
N ALA A 143 -14.89 -17.10 -14.36
CA ALA A 143 -14.07 -16.02 -13.82
C ALA A 143 -13.37 -16.45 -12.54
N ILE A 144 -12.21 -15.84 -12.29
CA ILE A 144 -11.48 -16.03 -11.04
C ILE A 144 -11.04 -14.66 -10.55
N LYS A 145 -11.05 -14.47 -9.23
CA LYS A 145 -10.84 -13.14 -8.65
C LYS A 145 -9.95 -13.21 -7.42
N LEU A 146 -9.16 -12.16 -7.22
CA LEU A 146 -8.33 -12.04 -6.03
C LEU A 146 -9.17 -11.60 -4.84
N ALA A 147 -8.92 -12.22 -3.69
CA ALA A 147 -9.68 -11.96 -2.48
C ALA A 147 -8.73 -11.87 -1.29
N ASP A 148 -9.29 -11.41 -0.17
CA ASP A 148 -8.57 -11.26 1.10
C ASP A 148 -7.38 -10.31 0.94
N PHE A 149 -7.62 -9.02 1.07
CA PHE A 149 -6.57 -8.00 1.03
C PHE A 149 -6.18 -7.53 2.44
N GLY A 150 -6.40 -8.36 3.45
CA GLY A 150 -6.05 -7.98 4.81
C GLY A 150 -4.55 -7.87 5.02
N LEU A 151 -3.76 -8.65 4.29
CA LEU A 151 -2.31 -8.59 4.37
C LEU A 151 -1.70 -7.71 3.30
N ALA A 152 -2.53 -7.01 2.53
CA ALA A 152 -2.04 -6.16 1.45
C ALA A 152 -1.48 -4.85 2.02
N ARG A 153 -0.67 -4.18 1.21
CA ARG A 153 -0.12 -2.89 1.57
C ARG A 153 0.20 -2.10 0.31
N ALA A 154 -0.16 -0.82 0.31
CA ALA A 154 0.28 0.07 -0.75
C ALA A 154 1.74 0.44 -0.54
N PHE A 155 2.54 0.35 -1.60
CA PHE A 155 3.96 0.67 -1.52
C PHE A 155 4.22 2.02 -2.18
N GLY A 156 5.14 2.78 -1.59
CA GLY A 156 5.53 4.05 -2.15
C GLY A 156 6.58 3.89 -3.24
N VAL A 157 6.88 5.02 -3.89
CA VAL A 157 7.89 5.08 -4.94
C VAL A 157 8.92 6.11 -4.53
N PRO A 158 10.07 5.69 -4.00
CA PRO A 158 10.52 4.30 -3.78
C PRO A 158 9.91 3.68 -2.54
N VAL A 159 10.02 2.36 -2.38
CA VAL A 159 9.50 1.67 -1.22
C VAL A 159 10.46 1.85 -0.05
N ARG A 160 10.03 1.44 1.14
CA ARG A 160 10.89 1.37 2.31
C ARG A 160 10.74 -0.01 2.94
N THR A 161 11.42 -0.23 4.06
CA THR A 161 11.37 -1.53 4.72
C THR A 161 9.97 -1.79 5.26
N TYR A 162 9.32 -2.83 4.73
CA TYR A 162 7.97 -3.19 5.15
C TYR A 162 8.00 -4.42 6.06
N HIS A 164 8.21 -7.95 7.62
CA HIS A 164 8.94 -9.15 7.25
C HIS A 164 8.10 -10.40 7.42
N GLU A 165 8.55 -11.50 6.80
CA GLU A 165 7.92 -12.82 6.92
C GLU A 165 6.45 -12.77 6.52
N VAL A 166 6.19 -12.18 5.35
CA VAL A 166 4.84 -12.15 4.78
C VAL A 166 4.65 -13.35 3.87
N VAL A 167 3.42 -13.53 3.38
CA VAL A 167 3.02 -14.60 2.47
C VAL A 167 3.06 -15.95 3.18
N THR A 168 2.03 -16.77 2.95
CA THR A 168 2.02 -18.13 3.47
C THR A 168 3.25 -18.90 2.98
N LEU A 169 3.71 -19.85 3.80
CA LEU A 169 5.04 -20.43 3.62
C LEU A 169 5.19 -21.09 2.25
N TRP A 170 4.21 -21.88 1.83
CA TRP A 170 4.33 -22.62 0.58
C TRP A 170 4.47 -21.72 -0.64
N TYR A 171 4.01 -20.47 -0.54
CA TYR A 171 3.99 -19.55 -1.67
C TYR A 171 4.89 -18.33 -1.42
N ARG A 172 5.77 -18.42 -0.43
CA ARG A 172 6.65 -17.32 -0.06
C ARG A 172 7.88 -17.30 -0.96
N ALA A 173 8.21 -16.12 -1.46
CA ALA A 173 9.33 -15.98 -2.39
C ALA A 173 10.65 -16.20 -1.67
N PRO A 174 11.69 -16.64 -2.39
CA PRO A 174 12.98 -16.91 -1.73
C PRO A 174 13.64 -15.67 -1.15
N GLU A 175 13.40 -14.48 -1.72
CA GLU A 175 14.00 -13.28 -1.16
C GLU A 175 13.45 -12.97 0.22
N ILE A 176 12.18 -13.32 0.47
CA ILE A 176 11.63 -13.14 1.81
C ILE A 176 12.22 -14.16 2.77
N LEU A 177 12.41 -15.40 2.31
CA LEU A 177 12.98 -16.43 3.17
C LEU A 177 14.44 -16.13 3.54
N LEU A 178 15.14 -15.38 2.69
CA LEU A 178 16.53 -15.02 2.95
C LEU A 178 16.66 -13.69 3.69
N GLY A 179 15.56 -13.03 4.02
CA GLY A 179 15.59 -11.83 4.83
C GLY A 179 15.98 -10.56 4.08
N CYS A 180 15.37 -10.33 2.92
CA CYS A 180 15.67 -9.13 2.16
C CYS A 180 15.16 -7.90 2.89
N LYS A 181 15.89 -6.79 2.77
CA LYS A 181 15.50 -5.55 3.44
C LYS A 181 14.31 -4.91 2.74
N TYR A 182 14.35 -4.84 1.41
CA TYR A 182 13.27 -4.26 0.62
C TYR A 182 12.66 -5.33 -0.28
N TYR A 183 11.37 -5.17 -0.58
CA TYR A 183 10.70 -6.03 -1.53
C TYR A 183 9.50 -5.29 -2.10
N SER A 184 9.03 -5.76 -3.26
CA SER A 184 7.86 -5.15 -3.88
C SER A 184 7.06 -6.18 -4.66
N THR A 185 6.79 -5.88 -5.94
CA THR A 185 5.81 -6.65 -6.71
C THR A 185 6.27 -8.06 -7.03
N ALA A 186 7.57 -8.35 -6.94
CA ALA A 186 8.06 -9.67 -7.36
C ALA A 186 7.54 -10.78 -6.46
N VAL A 187 7.17 -10.47 -5.22
CA VAL A 187 6.74 -11.52 -4.30
C VAL A 187 5.38 -12.08 -4.72
N ASP A 188 4.51 -11.25 -5.31
CA ASP A 188 3.22 -11.74 -5.78
C ASP A 188 3.37 -12.61 -7.02
N ILE A 189 4.33 -12.27 -7.88
CA ILE A 189 4.55 -13.06 -9.10
C ILE A 189 5.05 -14.46 -8.74
N TRP A 190 5.94 -14.55 -7.75
CA TRP A 190 6.41 -15.86 -7.31
C TRP A 190 5.24 -16.73 -6.84
N SER A 191 4.37 -16.17 -6.01
CA SER A 191 3.21 -16.91 -5.53
C SER A 191 2.34 -17.39 -6.69
N LEU A 192 2.14 -16.54 -7.70
CA LEU A 192 1.33 -16.94 -8.84
C LEU A 192 2.01 -18.04 -9.65
N GLY A 193 3.35 -18.00 -9.71
CA GLY A 193 4.07 -19.08 -10.37
C GLY A 193 3.91 -20.40 -9.64
N CYS A 194 3.92 -20.38 -8.32
CA CYS A 194 3.64 -21.59 -7.54
C CYS A 194 2.23 -22.08 -7.79
N ILE A 195 1.26 -21.15 -7.86
CA ILE A 195 -0.13 -21.54 -8.12
C ILE A 195 -0.26 -22.07 -9.54
N PHE A 196 0.44 -21.48 -10.50
CA PHE A 196 0.43 -21.95 -11.87
C PHE A 196 0.84 -23.42 -11.95
N ALA A 197 2.01 -23.75 -11.39
CA ALA A 197 2.48 -25.12 -11.40
C ALA A 197 1.55 -26.05 -10.62
N GLU A 198 0.92 -25.54 -9.56
CA GLU A 198 0.02 -26.38 -8.77
C GLU A 198 -1.23 -26.75 -9.56
N MET A 199 -1.71 -25.85 -10.42
CA MET A 199 -2.82 -26.17 -11.31
C MET A 199 -2.41 -27.24 -12.32
N VAL A 200 -1.16 -27.20 -12.78
CA VAL A 200 -0.71 -28.15 -13.80
C VAL A 200 -0.51 -29.54 -13.21
N THR A 201 0.10 -29.62 -12.03
CA THR A 201 0.48 -30.90 -11.44
C THR A 201 -0.49 -31.39 -10.38
N ARG A 202 -1.51 -30.60 -10.03
CA ARG A 202 -2.48 -30.93 -8.99
C ARG A 202 -1.82 -31.16 -7.64
N ARG A 203 -0.63 -30.61 -7.43
CA ARG A 203 0.11 -30.79 -6.20
C ARG A 203 0.92 -29.53 -5.93
N ALA A 204 1.04 -29.16 -4.66
CA ALA A 204 1.81 -27.98 -4.29
C ALA A 204 3.25 -28.11 -4.77
N LEU A 205 3.79 -27.00 -5.30
CA LEU A 205 5.12 -27.05 -5.89
C LEU A 205 6.20 -27.15 -4.81
N PHE A 206 6.12 -26.31 -3.78
CA PHE A 206 7.10 -26.28 -2.70
C PHE A 206 6.37 -26.40 -1.37
N PRO A 207 5.98 -27.61 -0.96
CA PRO A 207 5.24 -27.79 0.31
C PRO A 207 6.17 -27.98 1.53
N GLY A 208 6.75 -26.87 1.97
CA GLY A 208 7.64 -26.93 3.12
C GLY A 208 6.92 -26.79 4.44
N ASP A 209 7.56 -27.31 5.50
CA ASP A 209 7.02 -27.24 6.85
C ASP A 209 7.78 -26.27 7.75
N SER A 210 8.91 -25.72 7.29
CA SER A 210 9.63 -24.71 8.03
C SER A 210 10.25 -23.75 7.00
N GLU A 211 10.84 -22.67 7.51
CA GLU A 211 11.47 -21.70 6.62
C GLU A 211 12.68 -22.30 5.92
N ILE A 212 13.49 -23.08 6.63
CA ILE A 212 14.68 -23.67 6.02
C ILE A 212 14.29 -24.81 5.08
N ASP A 213 13.28 -25.59 5.46
CA ASP A 213 12.81 -26.67 4.58
C ASP A 213 12.13 -26.11 3.34
N GLN A 214 11.43 -24.98 3.46
CA GLN A 214 10.84 -24.33 2.30
C GLN A 214 11.92 -23.86 1.34
N LEU A 215 12.99 -23.26 1.88
CA LEU A 215 14.09 -22.78 1.04
C LEU A 215 14.79 -23.93 0.34
N PHE A 216 14.98 -25.05 1.05
CA PHE A 216 15.67 -26.19 0.46
C PHE A 216 14.82 -26.88 -0.60
N ARG A 217 13.50 -26.89 -0.45
CA ARG A 217 12.63 -27.44 -1.48
C ARG A 217 12.71 -26.61 -2.76
N ILE A 218 12.82 -25.29 -2.62
CA ILE A 218 13.03 -24.44 -3.79
C ILE A 218 14.40 -24.73 -4.40
N PHE A 219 15.42 -24.91 -3.55
CA PHE A 219 16.76 -25.17 -4.05
C PHE A 219 16.84 -26.50 -4.80
N ARG A 220 16.12 -27.52 -4.30
CA ARG A 220 16.17 -28.83 -4.94
C ARG A 220 15.52 -28.84 -6.31
N THR A 221 14.64 -27.88 -6.60
CA THR A 221 13.95 -27.83 -7.88
C THR A 221 14.60 -26.84 -8.85
N LEU A 222 14.88 -25.63 -8.40
CA LEU A 222 15.45 -24.59 -9.25
C LEU A 222 16.97 -24.48 -9.14
N GLY A 223 17.59 -25.31 -8.32
CA GLY A 223 19.03 -25.18 -8.14
C GLY A 223 19.39 -24.18 -7.06
N THR A 224 20.48 -24.47 -6.37
CA THR A 224 20.98 -23.56 -5.37
C THR A 224 21.53 -22.30 -6.05
N PRO A 225 20.95 -21.13 -5.80
CA PRO A 225 21.38 -19.93 -6.53
C PRO A 225 22.74 -19.46 -6.08
N ASP A 226 23.40 -18.70 -6.96
CA ASP A 226 24.69 -18.10 -6.68
C ASP A 226 24.68 -16.65 -7.17
N GLU A 227 25.86 -16.00 -7.08
CA GLU A 227 25.94 -14.59 -7.43
C GLU A 227 25.66 -14.34 -8.90
N VAL A 228 25.94 -15.32 -9.76
CA VAL A 228 25.73 -15.13 -11.19
C VAL A 228 24.24 -15.10 -11.51
N VAL A 229 23.48 -16.09 -11.04
CA VAL A 229 22.06 -16.13 -11.32
C VAL A 229 21.27 -15.15 -10.46
N TRP A 230 21.83 -14.71 -9.32
CA TRP A 230 21.13 -13.82 -8.40
C TRP A 230 22.18 -12.96 -7.71
N PRO A 231 22.50 -11.80 -8.29
CA PRO A 231 23.54 -10.95 -7.70
C PRO A 231 23.16 -10.48 -6.31
N GLY A 232 24.05 -10.71 -5.35
CA GLY A 232 23.85 -10.30 -3.98
C GLY A 232 23.23 -11.35 -3.09
N VAL A 233 23.01 -12.57 -3.58
CA VAL A 233 22.37 -13.60 -2.77
C VAL A 233 23.28 -14.04 -1.64
N THR A 234 24.60 -14.06 -1.86
CA THR A 234 25.52 -14.50 -0.82
C THR A 234 25.70 -13.48 0.28
N SER A 235 25.21 -12.25 0.10
CA SER A 235 25.30 -11.20 1.10
C SER A 235 24.01 -11.02 1.90
N MET A 236 22.99 -11.83 1.63
CA MET A 236 21.72 -11.69 2.30
C MET A 236 21.80 -12.21 3.73
N PRO A 237 20.99 -11.66 4.64
CA PRO A 237 21.15 -11.99 6.07
C PRO A 237 20.98 -13.45 6.40
N ASP A 238 20.03 -14.14 5.78
CA ASP A 238 19.77 -15.53 6.09
C ASP A 238 20.50 -16.50 5.17
N TYR A 239 21.35 -16.00 4.26
CA TYR A 239 22.13 -16.88 3.42
C TYR A 239 23.25 -17.51 4.23
N LYS A 240 23.50 -18.80 3.98
CA LYS A 240 24.57 -19.53 4.63
C LYS A 240 25.42 -20.21 3.57
N PRO A 241 26.75 -20.10 3.63
CA PRO A 241 27.59 -20.81 2.66
C PRO A 241 27.48 -22.32 2.75
N SER A 242 26.88 -22.86 3.82
CA SER A 242 26.73 -24.30 3.99
C SER A 242 25.49 -24.85 3.30
N PHE A 243 24.80 -24.06 2.49
CA PHE A 243 23.64 -24.57 1.76
C PHE A 243 24.10 -25.65 0.79
N PRO A 244 23.44 -26.81 0.76
CA PRO A 244 23.83 -27.85 -0.19
C PRO A 244 23.60 -27.42 -1.62
N LYS A 245 24.46 -27.93 -2.51
CA LYS A 245 24.41 -27.58 -3.93
C LYS A 245 23.54 -28.60 -4.66
N TRP A 246 22.35 -28.17 -5.07
CA TRP A 246 21.46 -28.97 -5.88
C TRP A 246 21.43 -28.42 -7.31
N ALA A 247 21.31 -29.33 -8.27
CA ALA A 247 21.23 -28.95 -9.68
C ALA A 247 19.79 -28.61 -10.06
N ARG A 248 19.65 -27.63 -10.95
CA ARG A 248 18.32 -27.24 -11.40
C ARG A 248 17.69 -28.38 -12.20
N GLN A 249 16.44 -28.70 -11.88
CA GLN A 249 15.75 -29.79 -12.56
C GLN A 249 15.13 -29.31 -13.86
N ASP A 250 15.10 -30.20 -14.84
CA ASP A 250 14.47 -29.91 -16.12
C ASP A 250 12.96 -29.75 -15.91
N PHE A 251 12.40 -28.66 -16.42
CA PHE A 251 10.98 -28.40 -16.26
C PHE A 251 10.12 -29.41 -17.00
N SER A 252 10.71 -30.23 -17.87
CA SER A 252 9.97 -31.34 -18.46
C SER A 252 9.55 -32.36 -17.42
N LYS A 253 10.24 -32.41 -16.29
CA LYS A 253 9.85 -33.27 -15.17
C LYS A 253 9.12 -32.52 -14.06
N VAL A 254 9.41 -31.23 -13.88
CA VAL A 254 8.71 -30.45 -12.87
C VAL A 254 7.26 -30.24 -13.28
N VAL A 255 7.04 -29.82 -14.53
CA VAL A 255 5.69 -29.65 -15.07
C VAL A 255 5.60 -30.44 -16.38
N PRO A 256 5.40 -31.75 -16.32
CA PRO A 256 5.37 -32.56 -17.56
C PRO A 256 4.30 -32.09 -18.54
N PRO A 257 3.05 -31.85 -18.11
CA PRO A 257 2.03 -31.48 -19.11
C PRO A 257 2.25 -30.13 -19.76
N LEU A 258 3.16 -29.31 -19.25
CA LEU A 258 3.35 -27.96 -19.77
C LEU A 258 4.18 -27.99 -21.06
N ASP A 259 3.74 -27.20 -22.03
CA ASP A 259 4.40 -27.15 -23.33
C ASP A 259 5.58 -26.18 -23.25
N GLU A 260 6.14 -25.84 -24.42
CA GLU A 260 7.33 -24.99 -24.45
C GLU A 260 7.03 -23.58 -23.94
N ASP A 261 5.93 -22.99 -24.41
CA ASP A 261 5.57 -21.64 -23.95
C ASP A 261 5.20 -21.64 -22.48
N GLY A 262 4.62 -22.73 -21.97
CA GLY A 262 4.26 -22.78 -20.56
C GLY A 262 5.48 -22.86 -19.66
N ARG A 263 6.46 -23.70 -20.03
CA ARG A 263 7.67 -23.81 -19.23
C ARG A 263 8.45 -22.50 -19.23
N SER A 264 8.42 -21.77 -20.35
CA SER A 264 9.12 -20.50 -20.43
C SER A 264 8.52 -19.47 -19.48
N LEU A 265 7.19 -19.34 -19.49
CA LEU A 265 6.52 -18.38 -18.61
C LEU A 265 6.75 -18.76 -17.15
N LEU A 266 6.62 -20.05 -16.81
CA LEU A 266 6.81 -20.47 -15.44
C LEU A 266 8.24 -20.20 -14.97
N SER A 267 9.23 -20.41 -15.86
CA SER A 267 10.61 -20.14 -15.50
C SER A 267 10.82 -18.67 -15.17
N GLN A 268 10.19 -17.77 -15.93
CA GLN A 268 10.37 -16.35 -15.70
C GLN A 268 9.62 -15.89 -14.46
N MET A 269 8.53 -16.57 -14.09
CA MET A 269 7.82 -16.26 -12.85
C MET A 269 8.55 -16.80 -11.63
N LEU A 270 9.43 -17.78 -11.80
CA LEU A 270 10.17 -18.38 -10.70
C LEU A 270 11.64 -18.03 -10.74
N HIS A 271 12.00 -16.93 -11.41
CA HIS A 271 13.39 -16.46 -11.41
C HIS A 271 13.80 -16.07 -10.00
N TYR A 272 15.02 -16.46 -9.63
CA TYR A 272 15.52 -16.15 -8.29
C TYR A 272 15.64 -14.64 -8.08
N ASP A 273 16.23 -13.94 -9.02
CA ASP A 273 16.45 -12.50 -8.91
C ASP A 273 15.12 -11.76 -8.99
N PRO A 274 14.69 -11.06 -7.94
CA PRO A 274 13.43 -10.31 -8.02
C PRO A 274 13.46 -9.21 -9.06
N ASN A 275 14.63 -8.66 -9.37
CA ASN A 275 14.74 -7.62 -10.39
C ASN A 275 14.55 -8.20 -11.79
N LYS A 276 14.90 -9.47 -11.98
CA LYS A 276 14.76 -10.13 -13.27
C LYS A 276 13.45 -10.91 -13.40
N ARG A 277 12.77 -11.18 -12.30
CA ARG A 277 11.51 -11.92 -12.34
C ARG A 277 10.49 -11.17 -13.18
N ILE A 278 9.77 -11.91 -14.03
CA ILE A 278 8.86 -11.28 -14.97
C ILE A 278 7.75 -10.55 -14.22
N SER A 279 7.29 -9.44 -14.78
CA SER A 279 6.21 -8.67 -14.18
C SER A 279 4.86 -9.19 -14.67
N ALA A 280 3.81 -8.82 -13.93
CA ALA A 280 2.47 -9.23 -14.31
C ALA A 280 2.11 -8.68 -15.69
N LYS A 281 2.45 -7.42 -15.96
CA LYS A 281 2.15 -6.82 -17.25
C LYS A 281 2.89 -7.56 -18.37
N ALA A 282 4.18 -7.85 -18.17
CA ALA A 282 4.95 -8.56 -19.18
C ALA A 282 4.46 -9.99 -19.35
N ALA A 283 3.99 -10.62 -18.27
CA ALA A 283 3.50 -12.00 -18.39
C ALA A 283 2.28 -12.07 -19.28
N LEU A 284 1.44 -11.02 -19.26
CA LEU A 284 0.26 -11.00 -20.12
C LEU A 284 0.65 -10.99 -21.59
N ALA A 285 1.83 -10.47 -21.92
CA ALA A 285 2.30 -10.42 -23.30
C ALA A 285 3.10 -11.65 -23.70
N HIS A 286 3.19 -12.64 -22.83
CA HIS A 286 3.95 -13.84 -23.13
C HIS A 286 3.24 -14.68 -24.20
N PRO A 287 4.00 -15.32 -25.09
CA PRO A 287 3.36 -16.15 -26.13
C PRO A 287 2.52 -17.30 -25.59
N PHE A 288 2.57 -17.57 -24.28
CA PHE A 288 1.67 -18.58 -23.70
C PHE A 288 0.22 -18.16 -23.84
N PHE A 289 -0.04 -16.85 -23.87
CA PHE A 289 -1.38 -16.32 -24.06
C PHE A 289 -1.59 -15.74 -25.46
N GLN A 290 -0.78 -16.16 -26.43
CA GLN A 290 -0.87 -15.59 -27.77
C GLN A 290 -2.21 -15.90 -28.43
N ASP A 291 -2.91 -16.93 -27.98
CA ASP A 291 -4.23 -17.26 -28.50
C ASP A 291 -5.36 -16.65 -27.70
N VAL A 292 -5.13 -16.34 -26.43
CA VAL A 292 -6.18 -15.77 -25.60
C VAL A 292 -6.33 -14.28 -25.87
N THR A 293 -5.23 -13.57 -26.05
CA THR A 293 -5.24 -12.13 -26.27
C THR A 293 -4.46 -11.78 -27.52
N LYS A 294 -4.72 -10.58 -28.03
CA LYS A 294 -4.00 -10.02 -29.15
C LYS A 294 -3.35 -8.70 -28.76
N PRO A 295 -2.14 -8.41 -29.25
CA PRO A 295 -1.44 -7.19 -28.81
C PRO A 295 -2.15 -5.94 -29.31
N VAL A 296 -2.31 -4.97 -28.42
CA VAL A 296 -2.91 -3.68 -28.75
C VAL A 296 -1.84 -2.81 -29.41
N PRO A 297 -2.20 -2.03 -30.42
CA PRO A 297 -1.20 -1.16 -31.06
C PRO A 297 -0.63 -0.15 -30.07
N HIS A 298 0.70 -0.12 -29.97
CA HIS A 298 1.40 0.76 -29.03
C HIS A 298 1.85 2.03 -29.73
N LEU A 299 1.50 3.17 -29.15
CA LEU A 299 1.96 4.46 -29.64
C LEU A 299 3.44 4.63 -29.29
N ARG A 300 4.31 4.56 -30.30
CA ARG A 300 5.75 4.67 -30.09
C ARG A 300 6.16 6.14 -30.22
N LEU A 301 5.67 6.94 -29.27
CA LEU A 301 6.00 8.36 -29.24
C LEU A 301 6.96 8.68 -28.09
N GLY B 9 3.45 16.36 -17.78
CA GLY B 9 4.43 15.34 -18.14
C GLY B 9 4.71 14.34 -17.03
N SER B 10 5.27 13.19 -17.39
CA SER B 10 5.58 12.15 -16.43
C SER B 10 7.08 12.06 -16.23
N PRO B 11 7.59 12.27 -15.01
CA PRO B 11 9.04 12.17 -14.78
C PRO B 11 9.53 10.77 -14.49
N LEU B 12 8.65 9.80 -14.33
CA LEU B 12 9.08 8.44 -14.01
C LEU B 12 9.75 7.79 -15.22
N PRO B 13 10.81 7.02 -15.01
CA PRO B 13 11.45 6.31 -16.12
C PRO B 13 10.62 5.10 -16.51
N VAL B 14 11.14 4.33 -17.48
CA VAL B 14 10.46 3.12 -17.91
C VAL B 14 10.39 2.15 -16.74
N LEU B 15 9.18 1.72 -16.40
CA LEU B 15 8.95 0.82 -15.29
C LEU B 15 8.83 -0.61 -15.80
N SER B 16 9.53 -1.54 -15.14
CA SER B 16 9.46 -2.94 -15.56
C SER B 16 8.19 -3.61 -15.09
N TRP B 17 7.58 -3.14 -14.00
CA TRP B 17 6.41 -3.77 -13.43
C TRP B 17 5.10 -3.24 -13.97
N ALA B 18 5.10 -2.10 -14.67
CA ALA B 18 3.89 -1.55 -15.26
C ALA B 18 4.28 -0.47 -16.25
N ASN B 19 3.29 0.04 -16.97
CA ASN B 19 3.51 1.14 -17.88
C ASN B 19 3.81 2.41 -17.08
N ARG B 20 4.91 3.09 -17.44
CA ARG B 20 5.31 4.28 -16.70
C ARG B 20 4.23 5.35 -16.73
N GLU B 21 3.62 5.58 -17.90
CA GLU B 21 2.55 6.55 -17.99
C GLU B 21 1.28 6.10 -17.28
N GLU B 22 1.10 4.79 -17.10
CA GLU B 22 -0.09 4.29 -16.42
C GLU B 22 0.01 4.52 -14.91
N VAL B 23 1.17 4.18 -14.33
CA VAL B 23 1.36 4.38 -12.90
C VAL B 23 1.24 5.85 -12.53
N TRP B 24 1.85 6.72 -13.34
CA TRP B 24 1.80 8.16 -13.07
C TRP B 24 0.39 8.70 -13.25
N LYS B 25 -0.34 8.21 -14.25
CA LYS B 25 -1.71 8.66 -14.47
C LYS B 25 -2.60 8.31 -13.28
N ILE B 26 -2.45 7.09 -12.74
CA ILE B 26 -3.23 6.69 -11.58
C ILE B 26 -2.92 7.59 -10.39
N MET B 27 -1.64 7.90 -10.18
CA MET B 27 -1.27 8.79 -9.09
C MET B 27 -1.87 10.18 -9.27
N LEU B 28 -1.89 10.67 -10.52
CA LEU B 28 -2.51 11.96 -10.79
C LEU B 28 -4.02 11.88 -10.68
N ASN B 29 -4.62 10.82 -11.21
CA ASN B 29 -6.08 10.68 -11.16
C ASN B 29 -6.57 10.48 -9.73
N LYS B 30 -5.72 9.99 -8.83
CA LYS B 30 -6.12 9.85 -7.43
C LYS B 30 -6.37 11.20 -6.79
N GLU B 31 -5.55 12.21 -7.14
CA GLU B 31 -5.72 13.53 -6.58
C GLU B 31 -7.03 14.19 -7.03
N LYS B 32 -7.63 13.72 -8.11
CA LYS B 32 -8.96 14.18 -8.48
C LYS B 32 -10.03 13.61 -7.56
N THR B 33 -9.77 12.47 -6.92
CA THR B 33 -10.73 11.88 -5.98
C THR B 33 -10.65 12.56 -4.63
N TYR B 34 -9.44 12.90 -4.18
CA TYR B 34 -9.23 13.54 -2.88
C TYR B 34 -9.28 15.05 -3.05
N LEU B 35 -10.30 15.69 -2.50
CA LEU B 35 -10.50 17.13 -2.62
C LEU B 35 -10.06 17.83 -1.34
N ARG B 36 -9.53 19.03 -1.51
CA ARG B 36 -9.14 19.88 -0.39
C ARG B 36 -9.69 21.28 -0.60
N ASP B 37 -10.12 21.91 0.48
CA ASP B 37 -10.70 23.25 0.46
C ASP B 37 -9.86 24.13 1.37
N GLN B 38 -9.18 25.12 0.80
CA GLN B 38 -8.33 25.99 1.60
C GLN B 38 -9.11 26.90 2.54
N HIS B 39 -10.44 26.95 2.42
CA HIS B 39 -11.29 27.79 3.27
C HIS B 39 -12.38 26.95 3.92
N PHE B 40 -12.05 25.73 4.34
CA PHE B 40 -13.04 24.90 5.02
C PHE B 40 -13.40 25.44 6.39
N LEU B 41 -12.56 26.30 6.96
CA LEU B 41 -12.85 26.90 8.26
C LEU B 41 -13.99 27.91 8.19
N GLU B 42 -14.38 28.35 7.00
CA GLU B 42 -15.57 29.18 6.87
C GLU B 42 -16.84 28.42 7.23
N GLN B 43 -16.81 27.08 7.13
CA GLN B 43 -17.90 26.25 7.61
C GLN B 43 -17.93 26.15 9.14
N HIS B 44 -16.86 26.56 9.81
CA HIS B 44 -16.77 26.56 11.28
C HIS B 44 -16.44 27.98 11.72
N PRO B 45 -17.45 28.85 11.83
CA PRO B 45 -17.16 30.27 12.11
C PRO B 45 -16.47 30.52 13.43
N LEU B 46 -16.57 29.59 14.39
CA LEU B 46 -15.95 29.80 15.70
C LEU B 46 -14.47 29.45 15.72
N LEU B 47 -13.95 28.81 14.68
CA LEU B 47 -12.55 28.41 14.63
C LEU B 47 -11.73 29.46 13.89
N GLN B 48 -10.42 29.44 14.14
CA GLN B 48 -9.47 30.35 13.51
C GLN B 48 -8.36 29.55 12.86
N PRO B 49 -7.73 30.10 11.81
CA PRO B 49 -6.66 29.35 11.13
C PRO B 49 -5.47 29.03 12.02
N LYS B 50 -5.20 29.86 13.04
CA LYS B 50 -4.07 29.59 13.91
C LYS B 50 -4.29 28.34 14.76
N MET B 51 -5.55 28.01 15.07
CA MET B 51 -5.84 26.82 15.85
C MET B 51 -5.41 25.56 15.11
N ARG B 52 -5.57 25.55 13.78
CA ARG B 52 -5.13 24.40 12.98
C ARG B 52 -3.62 24.25 13.03
N ALA B 53 -2.90 25.37 13.06
CA ALA B 53 -1.43 25.30 13.12
C ALA B 53 -0.96 24.75 14.46
N ILE B 54 -1.59 25.17 15.55
CA ILE B 54 -1.19 24.68 16.88
C ILE B 54 -1.46 23.19 17.00
N LEU B 55 -2.58 22.73 16.43
CA LEU B 55 -2.91 21.31 16.52
C LEU B 55 -1.95 20.47 15.70
N LEU B 56 -1.69 20.87 14.45
CA LEU B 56 -0.77 20.11 13.60
C LEU B 56 0.64 20.12 14.18
N ASP B 57 1.07 21.27 14.72
CA ASP B 57 2.39 21.34 15.34
C ASP B 57 2.49 20.42 16.56
N TRP B 58 1.39 20.30 17.31
CA TRP B 58 1.37 19.38 18.44
C TRP B 58 1.44 17.93 17.96
N LEU B 59 0.74 17.60 16.88
CA LEU B 59 0.81 16.26 16.33
C LEU B 59 2.21 15.93 15.82
N MET B 60 2.94 16.93 15.32
CA MET B 60 4.32 16.71 14.91
C MET B 60 5.17 16.26 16.09
N GLU B 61 5.04 16.96 17.23
CA GLU B 61 5.80 16.60 18.41
C GLU B 61 5.43 15.23 18.92
N VAL B 62 4.14 14.87 18.86
CA VAL B 62 3.70 13.55 19.28
C VAL B 62 4.34 12.48 18.41
N CYS B 63 4.45 12.73 17.10
CA CYS B 63 5.06 11.75 16.21
C CYS B 63 6.53 11.55 16.53
N GLU B 64 7.24 12.62 16.89
CA GLU B 64 8.66 12.51 17.18
C GLU B 64 8.91 11.75 18.47
N VAL B 65 8.03 11.92 19.46
CA VAL B 65 8.20 11.22 20.74
C VAL B 65 8.10 9.72 20.53
N TYR B 66 7.06 9.27 19.82
CA TYR B 66 6.87 7.86 19.52
C TYR B 66 7.58 7.44 18.24
N LYS B 67 8.40 8.32 17.66
CA LYS B 67 9.21 8.01 16.49
C LYS B 67 8.34 7.54 15.32
N LEU B 68 7.22 8.21 15.11
CA LEU B 68 6.33 7.88 14.00
C LEU B 68 6.87 8.47 12.70
N HIS B 69 6.52 7.83 11.60
CA HIS B 69 7.02 8.26 10.30
C HIS B 69 6.36 9.57 9.86
N ARG B 70 7.05 10.29 8.98
CA ARG B 70 6.51 11.52 8.43
C ARG B 70 5.22 11.25 7.66
N GLU B 71 5.16 10.12 6.96
CA GLU B 71 3.94 9.75 6.25
C GLU B 71 2.76 9.64 7.19
N THR B 72 2.99 9.17 8.42
CA THR B 72 1.91 9.04 9.39
C THR B 72 1.34 10.40 9.77
N PHE B 73 2.21 11.40 9.95
CA PHE B 73 1.73 12.73 10.30
C PHE B 73 0.90 13.33 9.18
N TYR B 74 1.42 13.29 7.95
CA TYR B 74 0.71 13.90 6.83
C TYR B 74 -0.57 13.16 6.50
N LEU B 75 -0.65 11.86 6.80
CA LEU B 75 -1.92 11.17 6.73
C LEU B 75 -2.93 11.76 7.70
N ALA B 76 -2.50 11.98 8.94
CA ALA B 76 -3.38 12.58 9.95
C ALA B 76 -3.77 13.99 9.56
N GLN B 77 -2.84 14.74 8.94
CA GLN B 77 -3.15 16.08 8.49
C GLN B 77 -4.22 16.06 7.40
N ASP B 78 -4.09 15.15 6.43
CA ASP B 78 -5.06 15.07 5.35
C ASP B 78 -6.40 14.56 5.85
N PHE B 79 -6.39 13.60 6.79
CA PHE B 79 -7.64 13.13 7.37
C PHE B 79 -8.35 14.26 8.12
N PHE B 80 -7.57 15.09 8.83
CA PHE B 80 -8.16 16.19 9.59
C PHE B 80 -8.80 17.22 8.67
N ASP B 81 -8.07 17.63 7.61
CA ASP B 81 -8.57 18.69 6.74
C ASP B 81 -9.78 18.22 5.94
N ARG B 82 -9.77 16.97 5.47
CA ARG B 82 -10.89 16.50 4.67
C ARG B 82 -12.12 16.20 5.53
N TYR B 83 -11.92 15.77 6.77
CA TYR B 83 -13.05 15.55 7.66
C TYR B 83 -13.74 16.86 8.02
N MET B 84 -12.97 17.92 8.21
CA MET B 84 -13.55 19.22 8.54
C MET B 84 -14.36 19.78 7.38
N ALA B 85 -13.95 19.49 6.14
CA ALA B 85 -14.70 19.92 4.97
C ALA B 85 -16.08 19.28 4.87
N THR B 86 -16.33 18.22 5.63
CA THR B 86 -17.63 17.55 5.64
C THR B 86 -18.45 17.90 6.89
N GLN B 87 -17.88 18.65 7.82
CA GLN B 87 -18.55 18.99 9.06
C GLN B 87 -18.83 20.49 9.13
N GLU B 88 -19.63 20.87 10.12
CA GLU B 88 -20.00 22.26 10.34
C GLU B 88 -20.02 22.55 11.84
N ASN B 89 -19.49 23.71 12.21
CA ASN B 89 -19.51 24.20 13.59
C ASN B 89 -18.80 23.26 14.55
N VAL B 90 -17.51 23.50 14.79
CA VAL B 90 -16.71 22.69 15.70
C VAL B 90 -16.08 23.59 16.74
N VAL B 91 -16.14 23.17 18.00
CA VAL B 91 -15.55 23.91 19.10
C VAL B 91 -14.08 23.54 19.22
N LYS B 92 -13.30 24.46 19.81
CA LYS B 92 -11.86 24.24 19.91
C LYS B 92 -11.51 23.06 20.82
N THR B 93 -12.36 22.77 21.82
CA THR B 93 -12.10 21.63 22.69
C THR B 93 -12.29 20.30 21.97
N LEU B 94 -13.00 20.29 20.85
CA LEU B 94 -13.16 19.10 20.04
C LEU B 94 -12.02 18.90 19.05
N LEU B 95 -11.17 19.92 18.86
CA LEU B 95 -10.08 19.80 17.88
C LEU B 95 -9.06 18.75 18.29
N GLN B 96 -8.72 18.69 19.59
CA GLN B 96 -7.70 17.75 20.04
C GLN B 96 -8.16 16.30 19.85
N LEU B 97 -9.45 16.04 20.07
CA LEU B 97 -9.97 14.69 19.89
C LEU B 97 -9.93 14.28 18.41
N ILE B 98 -10.34 15.19 17.52
CA ILE B 98 -10.30 14.88 16.09
C ILE B 98 -8.87 14.71 15.61
N GLY B 99 -7.95 15.53 16.14
CA GLY B 99 -6.58 15.43 15.69
C GLY B 99 -5.89 14.15 16.13
N ILE B 100 -6.03 13.80 17.42
CA ILE B 100 -5.34 12.61 17.92
C ILE B 100 -5.97 11.35 17.35
N SER B 101 -7.27 11.38 17.05
CA SER B 101 -7.91 10.22 16.44
C SER B 101 -7.49 10.07 14.98
N SER B 102 -7.27 11.19 14.30
CA SER B 102 -6.71 11.11 12.95
C SER B 102 -5.33 10.48 12.97
N LEU B 103 -4.51 10.84 13.96
CA LEU B 103 -3.19 10.22 14.08
C LEU B 103 -3.30 8.75 14.47
N PHE B 104 -4.33 8.38 15.23
CA PHE B 104 -4.52 6.98 15.58
C PHE B 104 -4.84 6.15 14.35
N ILE B 105 -5.74 6.64 13.50
CA ILE B 105 -6.03 5.96 12.24
C ILE B 105 -4.79 5.89 11.37
N ALA B 106 -4.04 7.00 11.31
CA ALA B 106 -2.86 7.04 10.45
C ALA B 106 -1.77 6.08 10.95
N ALA B 107 -1.60 5.98 12.27
CA ALA B 107 -0.55 5.12 12.81
C ALA B 107 -0.85 3.65 12.52
N LYS B 108 -2.12 3.24 12.64
CA LYS B 108 -2.47 1.85 12.38
C LYS B 108 -2.33 1.51 10.90
N LEU B 109 -2.43 2.50 10.02
CA LEU B 109 -2.31 2.24 8.59
C LEU B 109 -0.85 2.11 8.16
N GLU B 110 0.04 2.93 8.72
CA GLU B 110 1.39 3.06 8.22
C GLU B 110 2.44 2.31 9.04
N GLU B 111 2.33 2.34 10.37
CA GLU B 111 3.36 1.76 11.22
C GLU B 111 3.25 0.25 11.29
N ILE B 112 4.39 -0.42 11.34
CA ILE B 112 4.40 -1.88 11.48
C ILE B 112 3.94 -2.27 12.87
N TYR B 113 4.50 -1.66 13.91
CA TYR B 113 4.10 -1.84 15.30
C TYR B 113 3.63 -0.50 15.83
N PRO B 114 2.37 -0.14 15.59
CA PRO B 114 1.88 1.18 16.03
C PRO B 114 1.71 1.22 17.54
N PRO B 115 1.67 2.41 18.12
CA PRO B 115 1.40 2.51 19.56
C PRO B 115 -0.02 2.07 19.89
N LYS B 116 -0.21 1.68 21.14
CA LYS B 116 -1.51 1.21 21.60
C LYS B 116 -2.47 2.39 21.78
N LEU B 117 -3.75 2.07 21.98
CA LEU B 117 -4.77 3.10 22.10
C LEU B 117 -4.55 3.98 23.32
N HIS B 118 -4.19 3.37 24.46
CA HIS B 118 -4.03 4.14 25.69
C HIS B 118 -2.89 5.14 25.60
N GLN B 119 -1.88 4.85 24.77
CA GLN B 119 -0.80 5.81 24.58
C GLN B 119 -1.28 7.06 23.85
N PHE B 120 -2.17 6.89 22.88
CA PHE B 120 -2.77 8.05 22.22
C PHE B 120 -3.66 8.84 23.18
N ALA B 121 -4.32 8.16 24.11
CA ALA B 121 -5.08 8.85 25.15
C ALA B 121 -4.17 9.44 26.22
N TYR B 122 -2.98 8.86 26.41
CA TYR B 122 -2.08 9.33 27.45
C TYR B 122 -1.50 10.70 27.10
N VAL B 123 -1.18 10.93 25.83
CA VAL B 123 -0.56 12.20 25.43
C VAL B 123 -1.54 13.37 25.45
N THR B 124 -2.84 13.10 25.55
CA THR B 124 -3.84 14.16 25.58
C THR B 124 -4.03 14.76 26.97
N ASP B 125 -3.24 14.33 27.96
CA ASP B 125 -3.35 14.81 29.34
C ASP B 125 -4.76 14.60 29.89
N GLY B 126 -5.32 13.42 29.61
CA GLY B 126 -6.64 13.08 30.10
C GLY B 126 -7.79 13.76 29.40
N ALA B 127 -7.53 14.66 28.44
CA ALA B 127 -8.62 15.35 27.77
C ALA B 127 -9.34 14.45 26.78
N CYS B 128 -8.76 13.31 26.42
CA CYS B 128 -9.36 12.37 25.48
C CYS B 128 -9.18 10.97 26.03
N SER B 129 -10.30 10.30 26.30
CA SER B 129 -10.26 8.93 26.80
C SER B 129 -10.10 7.96 25.63
N GLY B 130 -9.87 6.68 25.97
CA GLY B 130 -9.73 5.66 24.95
C GLY B 130 -11.02 5.44 24.19
N ASP B 131 -12.15 5.42 24.89
CA ASP B 131 -13.43 5.24 24.22
C ASP B 131 -13.81 6.44 23.36
N GLU B 132 -13.38 7.65 23.77
CA GLU B 132 -13.62 8.82 22.93
C GLU B 132 -12.85 8.74 21.62
N ILE B 133 -11.62 8.23 21.67
CA ILE B 133 -10.83 8.09 20.45
C ILE B 133 -11.44 7.06 19.52
N LEU B 134 -11.90 5.93 20.07
CA LEU B 134 -12.52 4.90 19.25
C LEU B 134 -13.84 5.38 18.65
N THR B 135 -14.58 6.23 19.37
CA THR B 135 -15.78 6.82 18.79
C THR B 135 -15.42 7.81 17.68
N MET B 136 -14.35 8.58 17.88
CA MET B 136 -13.99 9.62 16.91
C MET B 136 -13.43 9.00 15.64
N GLU B 137 -12.65 7.91 15.77
CA GLU B 137 -12.06 7.31 14.58
C GLU B 137 -13.11 6.72 13.66
N LEU B 138 -14.22 6.22 14.20
CA LEU B 138 -15.29 5.71 13.36
C LEU B 138 -16.02 6.84 12.66
N MET B 139 -16.25 7.95 13.35
CA MET B 139 -16.90 9.09 12.73
C MET B 139 -16.03 9.71 11.64
N ILE B 140 -14.71 9.72 11.86
CA ILE B 140 -13.79 10.26 10.85
C ILE B 140 -13.80 9.38 9.61
N MET B 141 -13.65 8.07 9.79
CA MET B 141 -13.54 7.16 8.65
C MET B 141 -14.85 7.08 7.87
N LYS B 142 -15.99 7.12 8.57
CA LYS B 142 -17.28 7.06 7.88
C LYS B 142 -17.56 8.35 7.13
N ALA B 143 -17.21 9.50 7.72
CA ALA B 143 -17.42 10.77 7.03
C ALA B 143 -16.53 10.92 5.81
N LEU B 144 -15.34 10.32 5.84
CA LEU B 144 -14.43 10.35 4.71
C LEU B 144 -14.73 9.27 3.66
N LYS B 145 -15.87 8.58 3.79
CA LYS B 145 -16.24 7.49 2.89
C LYS B 145 -15.16 6.41 2.84
N TRP B 146 -14.41 6.26 3.93
CA TRP B 146 -13.30 5.31 4.05
C TRP B 146 -12.23 5.53 2.99
N ARG B 147 -12.13 6.74 2.44
CA ARG B 147 -11.06 7.11 1.51
C ARG B 147 -9.85 7.51 2.35
N LEU B 148 -9.04 6.53 2.71
CA LEU B 148 -7.93 6.74 3.64
C LEU B 148 -6.58 6.44 3.01
N SER B 149 -6.47 6.53 1.69
CA SER B 149 -5.22 6.28 0.97
C SER B 149 -4.87 7.44 0.05
N PRO B 150 -4.59 8.62 0.60
CA PRO B 150 -4.22 9.76 -0.24
C PRO B 150 -2.71 9.79 -0.48
N LEU B 151 -2.32 10.59 -1.46
CA LEU B 151 -0.91 10.87 -1.73
C LEU B 151 -0.53 12.12 -0.94
N THR B 152 0.13 11.92 0.20
CA THR B 152 0.44 13.02 1.09
C THR B 152 1.49 13.96 0.48
N ILE B 153 1.72 15.07 1.17
CA ILE B 153 2.76 16.02 0.72
C ILE B 153 4.13 15.36 0.78
N VAL B 154 4.39 14.60 1.84
CA VAL B 154 5.71 13.99 2.01
C VAL B 154 5.90 12.82 1.05
N SER B 155 4.81 12.16 0.63
CA SER B 155 4.95 11.07 -0.31
C SER B 155 5.45 11.56 -1.66
N TRP B 156 5.00 12.76 -2.08
CA TRP B 156 5.50 13.32 -3.34
C TRP B 156 6.98 13.67 -3.24
N LEU B 157 7.41 14.19 -2.10
CA LEU B 157 8.83 14.50 -1.91
C LEU B 157 9.68 13.24 -2.01
N ASN B 158 9.16 12.11 -1.53
CA ASN B 158 9.88 10.85 -1.65
C ASN B 158 10.04 10.45 -3.12
N VAL B 159 9.01 10.70 -3.93
CA VAL B 159 9.09 10.41 -5.35
C VAL B 159 10.10 11.34 -6.03
N TYR B 160 10.04 12.62 -5.71
CA TYR B 160 10.92 13.60 -6.36
C TYR B 160 12.38 13.36 -6.03
N MET B 161 12.67 12.86 -4.82
CA MET B 161 14.06 12.61 -4.44
C MET B 161 14.64 11.39 -5.15
N GLN B 162 13.80 10.39 -5.43
CA GLN B 162 14.29 9.20 -6.12
C GLN B 162 14.61 9.51 -7.57
N VAL B 163 13.74 10.26 -8.24
CA VAL B 163 13.97 10.60 -9.66
C VAL B 163 15.20 11.49 -9.80
N ALA B 164 15.46 12.35 -8.82
CA ALA B 164 16.64 13.21 -8.88
C ALA B 164 17.92 12.39 -8.82
N TYR B 165 17.89 11.22 -8.19
CA TYR B 165 19.07 10.38 -8.08
C TYR B 165 18.82 9.03 -8.74
N LEU B 166 18.48 9.04 -10.02
CA LEU B 166 18.32 7.82 -10.81
C LEU B 166 19.59 7.57 -11.61
N ASN B 167 19.94 6.30 -11.74
CA ASN B 167 21.13 5.88 -12.48
C ASN B 167 20.69 5.21 -13.79
N ASP B 168 21.61 4.45 -14.39
CA ASP B 168 21.28 3.73 -15.62
C ASP B 168 20.35 2.56 -15.38
N LEU B 169 20.31 2.03 -14.15
CA LEU B 169 19.42 0.91 -13.84
C LEU B 169 17.96 1.32 -13.82
N HIS B 170 17.66 2.61 -13.63
CA HIS B 170 16.29 3.14 -13.61
C HIS B 170 15.43 2.44 -12.57
N GLU B 171 16.05 1.93 -11.50
CA GLU B 171 15.31 1.26 -10.43
C GLU B 171 14.69 2.33 -9.53
N VAL B 172 13.39 2.57 -9.71
CA VAL B 172 12.71 3.63 -8.97
C VAL B 172 12.11 3.15 -7.66
N LEU B 173 12.14 1.84 -7.39
CA LEU B 173 11.53 1.31 -6.17
C LEU B 173 12.54 1.18 -5.03
N LEU B 174 13.82 1.04 -5.33
CA LEU B 174 14.83 0.94 -4.30
C LEU B 174 15.28 2.35 -3.91
N PRO B 175 15.13 2.76 -2.64
CA PRO B 175 15.42 4.14 -2.27
C PRO B 175 16.92 4.43 -2.34
N GLN B 176 17.26 5.58 -2.93
CA GLN B 176 18.66 5.99 -3.05
C GLN B 176 18.69 7.49 -3.24
N TYR B 177 18.91 8.23 -2.14
CA TYR B 177 19.07 9.68 -2.17
C TYR B 177 19.65 10.15 -0.84
N PRO B 178 20.34 11.29 -0.82
CA PRO B 178 20.89 11.79 0.45
C PRO B 178 19.80 12.09 1.46
N GLN B 179 19.98 11.57 2.68
CA GLN B 179 18.97 11.74 3.72
C GLN B 179 18.97 13.15 4.28
N GLN B 180 20.13 13.82 4.29
CA GLN B 180 20.22 15.12 4.94
C GLN B 180 19.49 16.20 4.15
N ILE B 181 19.60 16.17 2.81
CA ILE B 181 18.88 17.15 2.02
C ILE B 181 17.39 16.84 1.97
N PHE B 182 17.01 15.58 2.21
CA PHE B 182 15.59 15.24 2.26
C PHE B 182 14.91 15.90 3.44
N ILE B 183 15.51 15.80 4.63
CA ILE B 183 14.90 16.38 5.82
C ILE B 183 14.92 17.90 5.79
N GLN B 184 15.77 18.50 4.95
CA GLN B 184 15.76 19.94 4.81
C GLN B 184 14.54 20.42 4.02
N ILE B 185 14.19 19.72 2.94
CA ILE B 185 13.02 20.08 2.17
C ILE B 185 11.75 19.78 2.96
N ALA B 186 11.71 18.64 3.65
CA ALA B 186 10.58 18.32 4.51
C ALA B 186 10.41 19.36 5.61
N GLU B 187 11.51 19.96 6.07
CA GLU B 187 11.43 21.01 7.08
C GLU B 187 10.68 22.22 6.54
N LEU B 188 10.88 22.54 5.25
CA LEU B 188 10.12 23.63 4.65
C LEU B 188 8.65 23.27 4.50
N LEU B 189 8.37 22.03 4.09
CA LEU B 189 6.99 21.60 3.93
C LEU B 189 6.27 21.51 5.27
N ASP B 190 6.98 21.13 6.34
CA ASP B 190 6.37 21.10 7.67
C ASP B 190 5.92 22.48 8.11
N LEU B 191 6.63 23.53 7.68
CA LEU B 191 6.21 24.89 8.01
C LEU B 191 5.00 25.31 7.16
N CYS B 192 5.06 25.05 5.86
CA CYS B 192 3.99 25.47 4.96
C CYS B 192 2.68 24.76 5.27
N VAL B 193 2.74 23.53 5.78
CA VAL B 193 1.50 22.80 6.06
C VAL B 193 0.78 23.38 7.27
N LEU B 194 1.47 24.16 8.11
CA LEU B 194 0.80 24.81 9.22
C LEU B 194 -0.13 25.93 8.75
N ASP B 195 0.19 26.55 7.62
CA ASP B 195 -0.65 27.59 7.05
C ASP B 195 -1.78 26.94 6.24
N VAL B 196 -3.02 27.28 6.59
CA VAL B 196 -4.18 26.65 5.95
C VAL B 196 -4.29 27.02 4.48
N ASP B 197 -3.65 28.10 4.04
CA ASP B 197 -3.71 28.51 2.65
C ASP B 197 -2.94 27.59 1.72
N CYS B 198 -2.25 26.57 2.24
CA CYS B 198 -1.52 25.65 1.38
C CYS B 198 -2.45 24.74 0.60
N LEU B 199 -3.66 24.50 1.11
CA LEU B 199 -4.60 23.60 0.44
C LEU B 199 -5.06 24.15 -0.90
N GLU B 200 -4.84 25.44 -1.17
CA GLU B 200 -5.14 25.98 -2.49
C GLU B 200 -4.36 25.24 -3.58
N PHE B 201 -3.14 24.80 -3.27
CA PHE B 201 -2.30 24.11 -4.23
C PHE B 201 -2.31 22.61 -3.96
N PRO B 202 -2.30 21.80 -5.02
CA PRO B 202 -2.25 20.34 -4.83
C PRO B 202 -0.99 19.93 -4.09
N TYR B 203 -1.08 18.76 -3.43
CA TYR B 203 0.04 18.27 -2.64
C TYR B 203 1.29 18.08 -3.48
N GLY B 204 1.13 17.57 -4.70
CA GLY B 204 2.28 17.41 -5.58
C GLY B 204 2.92 18.72 -5.97
N ILE B 205 2.12 19.78 -6.05
CA ILE B 205 2.67 21.10 -6.37
C ILE B 205 3.45 21.65 -5.19
N LEU B 206 2.94 21.48 -3.97
CA LEU B 206 3.62 21.99 -2.79
C LEU B 206 4.99 21.33 -2.62
N ALA B 207 5.06 20.01 -2.79
CA ALA B 207 6.33 19.32 -2.66
C ALA B 207 7.32 19.75 -3.73
N ALA B 208 6.83 19.94 -4.96
CA ALA B 208 7.72 20.38 -6.04
C ALA B 208 8.20 21.81 -5.81
N SER B 209 7.34 22.66 -5.25
CA SER B 209 7.75 24.04 -5.00
C SER B 209 8.79 24.12 -3.88
N ALA B 210 8.67 23.25 -2.87
CA ALA B 210 9.68 23.21 -1.82
C ALA B 210 11.02 22.70 -2.36
N LEU B 211 10.98 21.69 -3.23
CA LEU B 211 12.20 21.19 -3.84
C LEU B 211 12.86 22.26 -4.71
N TYR B 212 12.05 23.08 -5.39
CA TYR B 212 12.60 24.13 -6.23
C TYR B 212 13.42 25.13 -5.41
N HIS B 213 12.93 25.51 -4.23
CA HIS B 213 13.64 26.48 -3.42
C HIS B 213 14.97 25.96 -2.89
N PHE B 214 15.17 24.64 -2.87
CA PHE B 214 16.44 24.05 -2.48
C PHE B 214 17.24 23.57 -3.68
N SER B 215 16.77 23.80 -4.90
CA SER B 215 17.48 23.36 -6.10
C SER B 215 17.27 24.34 -7.25
N SER B 216 16.52 23.92 -8.27
CA SER B 216 16.32 24.75 -9.45
C SER B 216 15.04 24.33 -10.14
N SER B 217 14.60 25.15 -11.09
CA SER B 217 13.42 24.82 -11.88
C SER B 217 13.70 23.67 -12.84
N GLU B 218 14.95 23.53 -13.29
CA GLU B 218 15.31 22.43 -14.17
C GLU B 218 15.21 21.10 -13.46
N LEU B 219 15.77 21.01 -12.24
CA LEU B 219 15.66 19.78 -11.47
C LEU B 219 14.22 19.53 -11.03
N MET B 220 13.49 20.60 -10.69
CA MET B 220 12.09 20.45 -10.31
C MET B 220 11.29 19.85 -11.46
N GLN B 221 11.45 20.40 -12.67
CA GLN B 221 10.70 19.89 -13.82
C GLN B 221 11.15 18.49 -14.20
N LYS B 222 12.42 18.16 -13.97
CA LYS B 222 12.91 16.83 -14.33
C LYS B 222 12.31 15.75 -13.46
N VAL B 223 12.15 16.03 -12.16
CA VAL B 223 11.70 15.01 -11.21
C VAL B 223 10.21 15.07 -10.91
N SER B 224 9.53 16.18 -11.24
CA SER B 224 8.11 16.31 -10.98
C SER B 224 7.26 16.34 -12.23
N GLY B 225 7.83 16.71 -13.38
CA GLY B 225 7.08 16.80 -14.62
C GLY B 225 6.28 18.07 -14.78
N TYR B 226 6.19 18.91 -13.76
CA TYR B 226 5.40 20.13 -13.82
C TYR B 226 6.24 21.29 -14.33
N GLN B 227 5.65 22.08 -15.23
CA GLN B 227 6.34 23.24 -15.77
C GLN B 227 6.45 24.33 -14.71
N TRP B 228 7.33 25.31 -14.98
CA TRP B 228 7.50 26.41 -14.05
C TRP B 228 6.23 27.23 -13.87
N CYS B 229 5.41 27.33 -14.93
CA CYS B 229 4.18 28.10 -14.82
C CYS B 229 3.18 27.46 -13.87
N ASP B 230 3.25 26.14 -13.70
CA ASP B 230 2.30 25.46 -12.81
C ASP B 230 2.58 25.75 -11.35
N ILE B 231 3.86 25.93 -10.98
CA ILE B 231 4.23 26.12 -9.59
C ILE B 231 4.58 27.56 -9.26
N GLU B 232 4.59 28.45 -10.27
CA GLU B 232 4.97 29.84 -10.01
C GLU B 232 4.06 30.48 -8.97
N ASN B 233 2.75 30.23 -9.06
CA ASN B 233 1.83 30.76 -8.06
C ASN B 233 2.11 30.14 -6.70
N CYS B 234 2.42 28.83 -6.67
CA CYS B 234 2.75 28.17 -5.41
C CYS B 234 4.11 28.63 -4.89
N VAL B 235 5.09 28.80 -5.80
CA VAL B 235 6.40 29.26 -5.38
C VAL B 235 6.31 30.66 -4.79
N LYS B 236 5.56 31.55 -5.45
CA LYS B 236 5.41 32.90 -4.93
C LYS B 236 4.69 32.91 -3.59
N TRP B 237 3.75 31.98 -3.38
CA TRP B 237 3.12 31.85 -2.08
C TRP B 237 4.08 31.28 -1.05
N MET B 238 4.91 30.33 -1.47
CA MET B 238 5.90 29.70 -0.59
C MET B 238 7.09 30.60 -0.32
N VAL B 239 7.18 31.74 -1.01
CA VAL B 239 8.33 32.66 -0.91
C VAL B 239 8.63 33.02 0.54
N PRO B 240 7.68 33.52 1.34
CA PRO B 240 8.03 33.90 2.71
C PRO B 240 8.48 32.73 3.57
N PHE B 241 7.87 31.56 3.38
CA PHE B 241 8.23 30.39 4.18
C PHE B 241 9.65 29.93 3.89
N ALA B 242 10.07 30.04 2.63
CA ALA B 242 11.40 29.55 2.25
C ALA B 242 12.50 30.39 2.89
N MET B 243 12.34 31.71 2.92
CA MET B 243 13.39 32.56 3.47
C MET B 243 13.52 32.42 4.97
N VAL B 244 12.40 32.24 5.68
CA VAL B 244 12.45 32.04 7.12
C VAL B 244 13.27 30.81 7.45
N ILE B 245 13.17 29.77 6.62
CA ILE B 245 14.02 28.60 6.79
C ILE B 245 15.46 28.94 6.42
N ARG B 246 15.66 29.77 5.39
CA ARG B 246 17.00 30.14 4.98
C ARG B 246 17.68 31.07 5.99
N GLU B 247 16.89 31.91 6.67
CA GLU B 247 17.49 32.84 7.64
C GLU B 247 18.07 32.10 8.84
N THR B 248 17.39 31.04 9.29
CA THR B 248 17.85 30.27 10.44
C THR B 248 18.71 29.08 10.06
N GLY B 249 18.74 28.70 8.78
CA GLY B 249 19.50 27.55 8.35
C GLY B 249 18.67 26.28 8.34
N SER B 250 19.34 25.18 8.00
CA SER B 250 18.72 23.88 7.91
C SER B 250 19.22 22.98 9.04
N SER B 251 18.38 22.03 9.44
CA SER B 251 18.72 21.14 10.54
C SER B 251 19.56 19.96 10.05
N LYS B 252 20.18 19.28 11.00
CA LYS B 252 20.98 18.11 10.71
C LYS B 252 20.13 16.84 10.79
N LEU B 253 20.65 15.76 10.21
CA LEU B 253 20.00 14.47 10.26
C LEU B 253 20.17 13.85 11.64
N LYS B 254 19.06 13.43 12.24
CA LYS B 254 19.07 12.88 13.59
C LYS B 254 19.20 11.36 13.55
N HIS B 255 19.61 10.82 14.71
CA HIS B 255 19.66 9.38 14.92
C HIS B 255 18.65 9.01 16.00
N PHE B 256 17.90 7.93 15.76
CA PHE B 256 16.90 7.45 16.69
C PHE B 256 17.20 6.02 17.08
N ARG B 257 17.29 5.76 18.38
CA ARG B 257 17.57 4.42 18.86
C ARG B 257 16.44 3.47 18.47
N GLY B 258 16.82 2.29 17.98
CA GLY B 258 15.86 1.33 17.46
C GLY B 258 15.50 1.53 16.00
N VAL B 259 15.86 2.66 15.41
CA VAL B 259 15.59 2.96 14.01
C VAL B 259 16.90 2.87 13.24
N ALA B 260 16.90 2.10 12.16
CA ALA B 260 18.10 1.98 11.33
C ALA B 260 18.44 3.33 10.70
N ASP B 261 19.73 3.54 10.47
CA ASP B 261 20.18 4.81 9.89
C ASP B 261 19.71 4.96 8.44
N GLU B 262 19.47 3.84 7.75
CA GLU B 262 18.94 3.90 6.39
C GLU B 262 17.46 4.29 6.36
N ASP B 263 16.84 4.51 7.52
CA ASP B 263 15.44 4.93 7.60
C ASP B 263 15.27 6.10 8.55
N ALA B 264 16.36 6.71 9.03
CA ALA B 264 16.25 7.78 10.02
C ALA B 264 15.62 9.03 9.44
N HIS B 265 15.76 9.27 8.14
CA HIS B 265 15.19 10.45 7.53
C HIS B 265 13.66 10.39 7.45
N ASN B 266 13.08 9.20 7.51
CA ASN B 266 11.64 9.04 7.42
C ASN B 266 10.92 9.26 8.75
N ILE B 267 11.65 9.55 9.82
CA ILE B 267 11.05 9.76 11.13
C ILE B 267 10.67 11.23 11.26
N GLN B 268 9.44 11.48 11.72
CA GLN B 268 8.97 12.84 11.89
C GLN B 268 9.71 13.53 13.03
N THR B 269 10.11 14.77 12.79
CA THR B 269 10.78 15.60 13.79
C THR B 269 9.90 16.80 14.11
N HIS B 270 10.34 17.59 15.09
CA HIS B 270 9.60 18.78 15.49
C HIS B 270 10.54 19.74 16.21
N ARG B 271 10.69 20.93 15.65
CA ARG B 271 11.36 22.03 16.32
C ARG B 271 10.37 23.18 16.47
N ASP B 272 10.61 24.03 17.46
CA ASP B 272 9.71 25.14 17.76
C ASP B 272 9.62 26.09 16.57
N SER B 273 8.75 25.76 15.60
CA SER B 273 8.52 26.60 14.43
C SER B 273 7.26 27.44 14.56
N LEU B 274 6.81 27.70 15.79
CA LEU B 274 5.62 28.53 15.98
C LEU B 274 5.88 29.96 15.53
N ASP B 275 6.94 30.59 16.04
CA ASP B 275 7.30 31.92 15.59
C ASP B 275 7.81 31.92 14.16
N LEU B 276 8.24 30.78 13.64
CA LEU B 276 8.65 30.71 12.24
C LEU B 276 7.47 30.88 11.29
N LEU B 277 6.27 30.48 11.71
CA LEU B 277 5.10 30.62 10.86
C LEU B 277 4.60 32.05 10.81
N ASP B 278 4.65 32.77 11.93
CA ASP B 278 4.16 34.14 11.94
C ASP B 278 5.11 35.11 11.24
N LYS B 279 6.39 34.76 11.13
CA LYS B 279 7.32 35.60 10.39
C LYS B 279 7.03 35.58 8.89
N ALA B 280 6.39 34.52 8.39
CA ALA B 280 6.06 34.45 6.97
C ALA B 280 4.94 35.42 6.60
N ARG B 281 4.09 35.80 7.55
CA ARG B 281 3.01 36.73 7.25
C ARG B 281 3.58 38.12 7.00
N ALA B 282 3.13 38.75 5.92
CA ALA B 282 3.61 40.07 5.50
C ALA B 282 5.12 40.11 5.34
#